data_1IY7
#
_entry.id   1IY7
#
_cell.length_a   51.688
_cell.length_b   60.467
_cell.length_c   47.256
_cell.angle_alpha   90.00
_cell.angle_beta   82.55
_cell.angle_gamma   90.00
#
_symmetry.space_group_name_H-M   'P 1 21 1'
#
loop_
_entity.id
_entity.type
_entity.pdbx_description
1 polymer 'Carboxypeptidase A'
2 non-polymer 'ZINC ION'
3 non-polymer PHENYLALANINE-N-SULFONAMIDE
4 water water
#
_entity_poly.entity_id   1
_entity_poly.type   'polypeptide(L)'
_entity_poly.pdbx_seq_one_letter_code
;ARSTNTFNYATYHTLDEIYDFMDLLVAQHPELVSKLQIGRSYEGRPIYVLKFSTGGSNRPAIWIDLGIHSREWITQATGV
WFAKKFTENYGQNPSFTAILDSMDIFLEIVTNPNGFAFTHSENRLWRKTRSVTSSSLCVGVDANRNWDAGFGKAGASSSP
CSETYHGKYANSEVEVKSIVDFVKNHGNFKAFLSIHSYSQLLLYPYGYTTQSIPDKTELNQVAKSAVAALKSLYGTSYKY
GSIITTIYQASGGSIDWSYNQGIKYSFTFELRDTGRYGFLLPASQIIPTAQETWLGVLTIMEHTVNN
;
_entity_poly.pdbx_strand_id   A
#
# COMPACT_ATOMS: atom_id res chain seq x y z
N ALA A 1 18.69 -15.53 2.56
CA ALA A 1 18.76 -15.85 1.11
C ALA A 1 18.21 -17.24 0.80
N ARG A 2 18.55 -18.21 1.65
CA ARG A 2 18.10 -19.60 1.47
C ARG A 2 16.65 -19.85 1.89
N SER A 3 16.22 -19.21 2.97
CA SER A 3 14.85 -19.37 3.43
C SER A 3 14.41 -18.05 4.03
N THR A 4 13.11 -17.88 4.23
CA THR A 4 12.60 -16.64 4.79
C THR A 4 13.12 -16.47 6.21
N ASN A 5 13.66 -17.54 6.78
CA ASN A 5 14.20 -17.49 8.13
C ASN A 5 15.61 -16.93 8.18
N THR A 6 16.29 -16.87 7.03
CA THR A 6 17.63 -16.31 6.99
C THR A 6 17.65 -14.97 6.26
N PHE A 7 16.51 -14.60 5.69
CA PHE A 7 16.37 -13.34 4.97
C PHE A 7 16.56 -12.21 5.99
N ASN A 8 17.30 -11.17 5.60
CA ASN A 8 17.57 -10.04 6.48
C ASN A 8 16.47 -8.99 6.39
N TYR A 9 15.58 -8.97 7.38
CA TYR A 9 14.48 -8.02 7.41
C TYR A 9 14.89 -6.63 7.87
N ALA A 10 16.08 -6.52 8.46
CA ALA A 10 16.58 -5.25 8.97
C ALA A 10 17.44 -4.45 7.99
N THR A 11 17.24 -4.67 6.70
CA THR A 11 17.99 -3.92 5.71
C THR A 11 17.15 -3.76 4.45
N TYR A 12 17.51 -2.81 3.60
CA TYR A 12 16.78 -2.57 2.35
C TYR A 12 17.27 -3.49 1.26
N HIS A 13 16.33 -3.99 0.45
CA HIS A 13 16.65 -4.91 -0.63
C HIS A 13 16.34 -4.41 -2.02
N THR A 14 16.88 -5.11 -3.01
CA THR A 14 16.67 -4.77 -4.41
C THR A 14 15.40 -5.48 -4.88
N LEU A 15 14.96 -5.17 -6.10
CA LEU A 15 13.75 -5.78 -6.65
C LEU A 15 13.84 -7.30 -6.74
N ASP A 16 14.96 -7.78 -7.26
CA ASP A 16 15.18 -9.22 -7.43
C ASP A 16 15.17 -9.97 -6.11
N GLU A 17 15.79 -9.39 -5.07
CA GLU A 17 15.82 -10.04 -3.78
C GLU A 17 14.41 -10.14 -3.21
N ILE A 18 13.59 -9.12 -3.43
CA ILE A 18 12.21 -9.14 -2.94
C ILE A 18 11.40 -10.16 -3.73
N TYR A 19 11.65 -10.24 -5.03
CA TYR A 19 10.93 -11.19 -5.87
C TYR A 19 11.31 -12.63 -5.50
N ASP A 20 12.59 -12.87 -5.21
CA ASP A 20 13.02 -14.21 -4.82
C ASP A 20 12.38 -14.56 -3.49
N PHE A 21 12.33 -13.56 -2.59
CA PHE A 21 11.73 -13.75 -1.27
C PHE A 21 10.31 -14.29 -1.41
N MET A 22 9.55 -13.75 -2.35
CA MET A 22 8.18 -14.19 -2.58
C MET A 22 8.10 -15.68 -2.90
N ASP A 23 9.01 -16.16 -3.74
CA ASP A 23 9.00 -17.57 -4.11
C ASP A 23 9.38 -18.48 -2.96
N LEU A 24 10.24 -18.00 -2.07
CA LEU A 24 10.65 -18.80 -0.91
C LEU A 24 9.48 -18.91 0.06
N LEU A 25 8.75 -17.82 0.24
CA LEU A 25 7.61 -17.80 1.15
C LEU A 25 6.50 -18.76 0.69
N VAL A 26 6.22 -18.74 -0.61
CA VAL A 26 5.19 -19.60 -1.17
C VAL A 26 5.59 -21.07 -1.07
N ALA A 27 6.87 -21.35 -1.28
CA ALA A 27 7.37 -22.72 -1.20
C ALA A 27 7.36 -23.27 0.23
N GLN A 28 7.50 -22.38 1.21
CA GLN A 28 7.52 -22.76 2.61
C GLN A 28 6.13 -22.86 3.24
N HIS A 29 5.16 -22.15 2.68
CA HIS A 29 3.79 -22.17 3.20
C HIS A 29 2.78 -22.26 2.06
N PRO A 30 2.94 -23.28 1.19
CA PRO A 30 2.06 -23.49 0.03
C PRO A 30 0.57 -23.58 0.35
N GLU A 31 0.23 -24.02 1.56
CA GLU A 31 -1.16 -24.16 1.95
C GLU A 31 -1.76 -22.86 2.48
N LEU A 32 -0.96 -21.79 2.52
CA LEU A 32 -1.45 -20.52 3.03
C LEU A 32 -1.25 -19.34 2.10
N VAL A 33 -0.17 -19.34 1.34
CA VAL A 33 0.08 -18.23 0.44
C VAL A 33 0.42 -18.66 -0.97
N SER A 34 -0.05 -17.88 -1.94
CA SER A 34 0.20 -18.15 -3.35
C SER A 34 0.57 -16.85 -4.05
N LYS A 35 1.37 -16.94 -5.10
CA LYS A 35 1.79 -15.76 -5.83
C LYS A 35 1.00 -15.57 -7.12
N LEU A 36 0.37 -14.41 -7.27
CA LEU A 36 -0.41 -14.11 -8.46
C LEU A 36 0.18 -12.96 -9.25
N GLN A 37 0.17 -13.06 -10.57
CA GLN A 37 0.67 -11.98 -11.41
C GLN A 37 -0.58 -11.31 -11.98
N ILE A 38 -0.77 -10.04 -11.63
CA ILE A 38 -1.93 -9.30 -12.09
C ILE A 38 -1.66 -8.41 -13.31
N GLY A 39 -0.41 -8.42 -13.78
CA GLY A 39 -0.04 -7.62 -14.93
C GLY A 39 1.46 -7.46 -15.09
N ARG A 40 1.85 -6.56 -15.97
CA ARG A 40 3.27 -6.29 -16.22
C ARG A 40 3.42 -4.77 -16.24
N SER A 41 4.53 -4.27 -15.70
CA SER A 41 4.80 -2.85 -15.65
C SER A 41 5.11 -2.30 -17.05
N TYR A 42 5.26 -0.98 -17.13
CA TYR A 42 5.55 -0.32 -18.40
C TYR A 42 6.80 -0.93 -19.03
N GLU A 43 7.82 -1.19 -18.21
CA GLU A 43 9.06 -1.76 -18.71
C GLU A 43 9.09 -3.29 -18.72
N GLY A 44 7.90 -3.89 -18.69
CA GLY A 44 7.78 -5.33 -18.75
C GLY A 44 7.97 -6.18 -17.51
N ARG A 45 8.28 -5.58 -16.37
CA ARG A 45 8.47 -6.35 -15.14
C ARG A 45 7.14 -6.89 -14.64
N PRO A 46 7.13 -8.13 -14.14
CA PRO A 46 5.87 -8.68 -13.64
C PRO A 46 5.39 -7.97 -12.37
N ILE A 47 4.08 -7.81 -12.25
CA ILE A 47 3.50 -7.19 -11.07
C ILE A 47 2.87 -8.33 -10.27
N TYR A 48 3.43 -8.59 -9.09
CA TYR A 48 2.98 -9.67 -8.24
C TYR A 48 2.18 -9.26 -7.01
N VAL A 49 1.24 -10.13 -6.65
CA VAL A 49 0.40 -9.94 -5.47
C VAL A 49 0.40 -11.26 -4.71
N LEU A 50 0.63 -11.20 -3.41
CA LEU A 50 0.62 -12.41 -2.60
C LEU A 50 -0.76 -12.54 -1.97
N LYS A 51 -1.35 -13.74 -2.11
CA LYS A 51 -2.66 -13.99 -1.55
C LYS A 51 -2.54 -14.93 -0.36
N PHE A 52 -3.01 -14.47 0.79
CA PHE A 52 -2.97 -15.28 1.99
C PHE A 52 -4.41 -15.76 2.20
N SER A 53 -4.60 -17.07 2.25
CA SER A 53 -5.94 -17.64 2.40
C SER A 53 -5.92 -19.04 3.01
N THR A 54 -6.91 -19.33 3.85
CA THR A 54 -7.01 -20.66 4.46
C THR A 54 -8.07 -21.48 3.71
N GLY A 55 -8.56 -20.94 2.60
CA GLY A 55 -9.56 -21.64 1.81
C GLY A 55 -10.78 -20.83 1.46
N GLY A 56 -11.92 -21.51 1.38
CA GLY A 56 -13.17 -20.85 1.05
C GLY A 56 -13.30 -20.44 -0.40
N SER A 57 -14.49 -19.94 -0.73
CA SER A 57 -14.78 -19.50 -2.09
C SER A 57 -15.04 -18.00 -2.12
N ASN A 58 -14.12 -17.26 -2.76
CA ASN A 58 -14.21 -15.82 -2.87
C ASN A 58 -14.65 -15.14 -1.57
N ARG A 59 -13.97 -15.47 -0.48
CA ARG A 59 -14.28 -14.88 0.81
C ARG A 59 -13.99 -13.39 0.76
N PRO A 60 -14.63 -12.60 1.63
CA PRO A 60 -14.36 -11.16 1.62
C PRO A 60 -12.86 -10.97 1.81
N ALA A 61 -12.30 -9.96 1.16
CA ALA A 61 -10.86 -9.76 1.24
C ALA A 61 -10.40 -8.38 1.68
N ILE A 62 -9.11 -8.35 2.04
CA ILE A 62 -8.42 -7.15 2.47
C ILE A 62 -7.32 -6.90 1.45
N TRP A 63 -7.26 -5.68 0.94
CA TRP A 63 -6.22 -5.31 -0.03
C TRP A 63 -5.21 -4.40 0.66
N ILE A 64 -3.92 -4.68 0.44
CA ILE A 64 -2.87 -3.86 1.00
C ILE A 64 -1.79 -3.68 -0.06
N ASP A 65 -1.49 -2.43 -0.42
CA ASP A 65 -0.44 -2.19 -1.40
C ASP A 65 0.60 -1.25 -0.82
N LEU A 66 1.85 -1.49 -1.20
CA LEU A 66 2.95 -0.67 -0.73
C LEU A 66 3.85 -0.27 -1.89
N GLY A 67 4.57 0.83 -1.72
CA GLY A 67 5.49 1.29 -2.74
C GLY A 67 4.95 1.89 -4.03
N ILE A 68 3.73 2.42 -4.02
CA ILE A 68 3.20 3.01 -5.25
C ILE A 68 4.13 4.19 -5.61
N HIS A 69 4.72 4.80 -4.59
CA HIS A 69 5.69 5.90 -4.73
C HIS A 69 7.00 5.21 -4.43
N SER A 70 7.77 4.90 -5.48
CA SER A 70 9.01 4.15 -5.35
C SER A 70 10.08 4.57 -4.33
N ARG A 71 10.23 5.86 -4.09
CA ARG A 71 11.26 6.32 -3.16
C ARG A 71 10.97 6.05 -1.68
N GLU A 72 9.74 5.66 -1.38
CA GLU A 72 9.35 5.40 0.00
C GLU A 72 9.70 3.97 0.41
N TRP A 73 11.01 3.70 0.39
CA TRP A 73 11.57 2.38 0.71
C TRP A 73 11.07 1.71 1.99
N ILE A 74 10.70 2.51 2.98
CA ILE A 74 10.20 1.94 4.22
C ILE A 74 8.94 1.12 3.99
N THR A 75 8.16 1.49 2.97
CA THR A 75 6.94 0.75 2.67
C THR A 75 7.20 -0.65 2.11
N GLN A 76 8.05 -0.77 1.09
CA GLN A 76 8.33 -2.11 0.54
C GLN A 76 8.97 -3.00 1.60
N ALA A 77 9.81 -2.40 2.46
CA ALA A 77 10.48 -3.15 3.52
C ALA A 77 9.46 -3.63 4.54
N THR A 78 8.49 -2.77 4.86
CA THR A 78 7.44 -3.15 5.81
C THR A 78 6.59 -4.25 5.17
N GLY A 79 6.43 -4.19 3.85
CA GLY A 79 5.63 -5.18 3.14
C GLY A 79 6.23 -6.57 3.25
N VAL A 80 7.54 -6.66 3.09
CA VAL A 80 8.23 -7.95 3.18
C VAL A 80 8.06 -8.51 4.59
N TRP A 81 8.16 -7.65 5.60
CA TRP A 81 8.01 -8.08 6.98
C TRP A 81 6.58 -8.59 7.23
N PHE A 82 5.59 -7.86 6.71
CA PHE A 82 4.18 -8.24 6.86
C PHE A 82 3.94 -9.64 6.33
N ALA A 83 4.45 -9.90 5.12
CA ALA A 83 4.28 -11.19 4.48
C ALA A 83 4.73 -12.32 5.39
N LYS A 84 5.93 -12.17 5.95
CA LYS A 84 6.48 -13.18 6.85
C LYS A 84 5.64 -13.26 8.12
N LYS A 85 5.31 -12.09 8.67
CA LYS A 85 4.50 -12.01 9.90
C LYS A 85 3.20 -12.80 9.77
N PHE A 86 2.52 -12.69 8.63
CA PHE A 86 1.27 -13.40 8.43
C PHE A 86 1.43 -14.90 8.63
N THR A 87 2.44 -15.47 7.97
CA THR A 87 2.70 -16.90 8.08
C THR A 87 3.09 -17.33 9.49
N GLU A 88 3.70 -16.42 10.25
CA GLU A 88 4.13 -16.74 11.61
C GLU A 88 3.03 -16.65 12.65
N ASN A 89 2.13 -15.68 12.49
CA ASN A 89 1.06 -15.49 13.47
C ASN A 89 -0.20 -16.33 13.27
N TYR A 90 -0.41 -16.87 12.08
CA TYR A 90 -1.60 -17.68 11.88
C TYR A 90 -1.47 -18.93 12.75
N GLY A 91 -2.45 -19.13 13.63
CA GLY A 91 -2.41 -20.29 14.51
C GLY A 91 -1.69 -19.99 15.83
N GLN A 92 -1.15 -18.78 15.96
CA GLN A 92 -0.45 -18.39 17.17
C GLN A 92 -1.19 -17.24 17.84
N ASN A 93 -1.58 -16.24 17.05
CA ASN A 93 -2.32 -15.09 17.54
C ASN A 93 -3.81 -15.29 17.30
N PRO A 94 -4.60 -15.45 18.38
CA PRO A 94 -6.05 -15.66 18.31
C PRO A 94 -6.78 -14.73 17.37
N SER A 95 -6.52 -13.43 17.49
CA SER A 95 -7.19 -12.43 16.67
C SER A 95 -6.87 -12.55 15.18
N PHE A 96 -5.58 -12.59 14.83
CA PHE A 96 -5.22 -12.70 13.43
C PHE A 96 -5.67 -14.05 12.83
N THR A 97 -5.67 -15.09 13.66
CA THR A 97 -6.10 -16.41 13.20
C THR A 97 -7.57 -16.36 12.81
N ALA A 98 -8.37 -15.69 13.63
CA ALA A 98 -9.81 -15.56 13.37
C ALA A 98 -10.04 -14.84 12.05
N ILE A 99 -9.24 -13.82 11.78
CA ILE A 99 -9.37 -13.05 10.55
C ILE A 99 -9.07 -13.90 9.32
N LEU A 100 -7.96 -14.63 9.32
CA LEU A 100 -7.58 -15.46 8.18
C LEU A 100 -8.46 -16.69 7.95
N ASP A 101 -9.23 -17.07 8.98
CA ASP A 101 -10.11 -18.23 8.85
C ASP A 101 -11.42 -17.83 8.16
N SER A 102 -11.65 -16.52 8.05
CA SER A 102 -12.87 -16.00 7.41
C SER A 102 -12.62 -15.01 6.25
N MET A 103 -11.40 -14.50 6.13
CA MET A 103 -11.11 -13.55 5.08
C MET A 103 -9.76 -13.79 4.41
N ASP A 104 -9.64 -13.31 3.17
CA ASP A 104 -8.39 -13.45 2.43
C ASP A 104 -7.66 -12.11 2.49
N ILE A 105 -6.34 -12.16 2.36
CA ILE A 105 -5.55 -10.93 2.37
C ILE A 105 -4.72 -10.91 1.10
N PHE A 106 -4.76 -9.78 0.40
CA PHE A 106 -3.99 -9.61 -0.83
C PHE A 106 -2.96 -8.53 -0.55
N LEU A 107 -1.69 -8.88 -0.71
CA LEU A 107 -0.58 -7.97 -0.44
C LEU A 107 0.28 -7.69 -1.67
N GLU A 108 0.40 -6.41 -2.03
CA GLU A 108 1.23 -6.03 -3.17
C GLU A 108 2.40 -5.22 -2.61
N ILE A 109 3.53 -5.91 -2.43
CA ILE A 109 4.74 -5.30 -1.87
C ILE A 109 5.39 -4.24 -2.74
N VAL A 110 5.44 -4.49 -4.06
CA VAL A 110 6.06 -3.53 -4.98
C VAL A 110 5.05 -3.13 -6.07
N THR A 111 4.25 -2.12 -5.76
CA THR A 111 3.23 -1.64 -6.68
C THR A 111 3.78 -0.93 -7.90
N ASN A 112 4.98 -0.36 -7.76
CA ASN A 112 5.64 0.39 -8.83
C ASN A 112 7.06 -0.15 -9.05
N PRO A 113 7.16 -1.32 -9.72
CA PRO A 113 8.43 -2.01 -10.02
C PRO A 113 9.47 -1.17 -10.78
N ASN A 114 9.06 -0.55 -11.88
CA ASN A 114 9.97 0.25 -12.70
C ASN A 114 10.56 1.40 -11.90
N GLY A 115 9.73 2.07 -11.10
CA GLY A 115 10.22 3.17 -10.30
C GLY A 115 11.18 2.68 -9.22
N PHE A 116 10.88 1.53 -8.64
CA PHE A 116 11.71 0.96 -7.58
C PHE A 116 13.11 0.63 -8.12
N ALA A 117 13.16 -0.01 -9.28
CA ALA A 117 14.43 -0.36 -9.91
C ALA A 117 15.24 0.90 -10.19
N PHE A 118 14.56 1.95 -10.61
CA PHE A 118 15.20 3.22 -10.92
C PHE A 118 15.79 3.86 -9.66
N THR A 119 15.11 3.75 -8.53
CA THR A 119 15.62 4.34 -7.28
C THR A 119 16.89 3.62 -6.83
N HIS A 120 17.11 2.42 -7.34
CA HIS A 120 18.29 1.64 -7.01
C HIS A 120 19.44 1.89 -7.98
N SER A 121 19.10 2.28 -9.21
CA SER A 121 20.13 2.49 -10.23
C SER A 121 20.44 3.93 -10.65
N GLU A 122 19.48 4.83 -10.58
CA GLU A 122 19.74 6.20 -11.04
C GLU A 122 19.31 7.36 -10.15
N ASN A 123 18.14 7.26 -9.52
CA ASN A 123 17.64 8.36 -8.68
C ASN A 123 16.90 7.82 -7.46
N ARG A 124 17.58 7.81 -6.32
CA ARG A 124 17.00 7.32 -5.07
C ARG A 124 15.68 7.98 -4.69
N LEU A 125 15.44 9.19 -5.16
CA LEU A 125 14.22 9.90 -4.81
C LEU A 125 13.12 9.90 -5.88
N TRP A 126 13.24 9.03 -6.88
CA TRP A 126 12.22 8.97 -7.93
C TRP A 126 10.87 8.60 -7.33
N ARG A 127 9.85 9.32 -7.72
CA ARG A 127 8.50 9.12 -7.20
C ARG A 127 7.50 8.45 -8.15
N LYS A 128 7.52 8.87 -9.41
CA LYS A 128 6.60 8.39 -10.43
C LYS A 128 6.89 7.03 -11.08
N THR A 129 6.09 6.71 -12.09
CA THR A 129 6.26 5.49 -12.86
C THR A 129 7.33 5.83 -13.88
N ARG A 130 7.55 4.98 -14.87
CA ARG A 130 8.56 5.26 -15.88
C ARG A 130 8.00 5.27 -17.29
N SER A 131 6.71 5.58 -17.41
CA SER A 131 6.06 5.63 -18.72
C SER A 131 6.53 6.86 -19.49
N VAL A 132 6.59 6.73 -20.81
CA VAL A 132 7.02 7.83 -21.67
C VAL A 132 5.81 8.54 -22.26
N THR A 133 5.82 9.87 -22.20
CA THR A 133 4.73 10.69 -22.73
C THR A 133 5.09 11.17 -24.14
N SER A 134 4.09 11.27 -25.00
CA SER A 134 4.32 11.68 -26.40
C SER A 134 5.05 13.00 -26.62
N SER A 135 4.45 14.11 -26.23
CA SER A 135 5.07 15.42 -26.43
C SER A 135 5.80 16.01 -25.23
N SER A 136 6.81 15.30 -24.74
CA SER A 136 7.60 15.76 -23.60
C SER A 136 8.81 14.88 -23.36
N LEU A 137 9.88 15.48 -22.83
CA LEU A 137 11.10 14.74 -22.54
C LEU A 137 11.04 14.19 -21.11
N CYS A 138 10.04 14.62 -20.35
CA CYS A 138 9.89 14.15 -18.98
C CYS A 138 9.18 12.80 -18.94
N VAL A 139 9.63 11.95 -18.04
CA VAL A 139 9.06 10.61 -17.91
C VAL A 139 8.32 10.38 -16.60
N GLY A 140 7.32 9.49 -16.65
CA GLY A 140 6.58 9.15 -15.46
C GLY A 140 5.31 9.91 -15.12
N VAL A 141 4.46 9.22 -14.37
CA VAL A 141 3.19 9.72 -13.90
C VAL A 141 3.12 9.39 -12.42
N ASP A 142 2.48 10.26 -11.65
CA ASP A 142 2.31 10.02 -10.23
C ASP A 142 1.17 9.02 -10.17
N ALA A 143 1.50 7.76 -9.87
CA ALA A 143 0.49 6.71 -9.82
C ALA A 143 -0.63 6.97 -8.82
N ASN A 144 -0.41 7.87 -7.85
CA ASN A 144 -1.45 8.16 -6.87
C ASN A 144 -2.25 9.41 -7.23
N ARG A 145 -2.28 9.73 -8.52
CA ARG A 145 -3.03 10.86 -9.06
C ARG A 145 -3.67 10.37 -10.35
N ASN A 146 -3.45 9.08 -10.65
CA ASN A 146 -3.95 8.48 -11.89
C ASN A 146 -5.27 7.71 -11.77
N TRP A 147 -5.84 7.64 -10.58
CA TRP A 147 -7.08 6.89 -10.40
C TRP A 147 -8.31 7.71 -10.76
N ASP A 148 -9.40 7.01 -11.10
CA ASP A 148 -10.65 7.64 -11.51
C ASP A 148 -11.49 8.10 -10.32
N ALA A 149 -11.03 9.17 -9.67
CA ALA A 149 -11.70 9.77 -8.52
C ALA A 149 -11.32 11.24 -8.51
N GLY A 150 -12.17 12.07 -9.11
CA GLY A 150 -11.88 13.49 -9.19
C GLY A 150 -10.65 13.69 -10.07
N PHE A 151 -10.44 12.77 -11.01
CA PHE A 151 -9.30 12.81 -11.91
C PHE A 151 -9.15 14.15 -12.64
N GLY A 152 -7.92 14.67 -12.62
CA GLY A 152 -7.63 15.91 -13.31
C GLY A 152 -8.03 17.18 -12.58
N LYS A 153 -8.69 17.04 -11.43
CA LYS A 153 -9.11 18.21 -10.67
C LYS A 153 -7.97 18.75 -9.82
N ALA A 154 -8.23 19.86 -9.14
CA ALA A 154 -7.23 20.48 -8.28
C ALA A 154 -6.59 19.42 -7.38
N GLY A 155 -5.28 19.50 -7.22
CA GLY A 155 -4.59 18.53 -6.39
C GLY A 155 -3.73 17.60 -7.23
N ALA A 156 -3.55 17.95 -8.49
CA ALA A 156 -2.73 17.16 -9.42
C ALA A 156 -2.23 18.09 -10.51
N SER A 157 -1.20 17.68 -11.25
CA SER A 157 -0.66 18.53 -12.30
C SER A 157 -0.84 17.96 -13.70
N SER A 158 -1.09 18.86 -14.65
CA SER A 158 -1.27 18.47 -16.04
C SER A 158 0.06 18.55 -16.78
N SER A 159 1.12 18.93 -16.08
CA SER A 159 2.44 19.02 -16.68
C SER A 159 3.18 17.69 -16.52
N PRO A 160 3.62 17.09 -17.63
CA PRO A 160 4.34 15.82 -17.61
C PRO A 160 5.59 15.84 -16.73
N CYS A 161 6.21 17.00 -16.60
CA CYS A 161 7.42 17.15 -15.80
C CYS A 161 7.18 17.28 -14.30
N SER A 162 5.92 17.48 -13.92
CA SER A 162 5.56 17.64 -12.52
C SER A 162 5.65 16.34 -11.71
N GLU A 163 6.02 16.46 -10.44
CA GLU A 163 6.12 15.31 -9.56
C GLU A 163 4.73 14.72 -9.32
N THR A 164 3.70 15.53 -9.52
CA THR A 164 2.34 15.06 -9.31
C THR A 164 1.51 15.02 -10.59
N TYR A 165 2.20 14.76 -11.72
CA TYR A 165 1.54 14.67 -13.02
C TYR A 165 0.53 13.52 -12.98
N HIS A 166 -0.72 13.80 -13.37
CA HIS A 166 -1.77 12.79 -13.33
C HIS A 166 -1.89 11.88 -14.56
N GLY A 167 -1.20 12.24 -15.64
CA GLY A 167 -1.24 11.41 -16.84
C GLY A 167 -2.30 11.81 -17.84
N LYS A 168 -2.27 11.18 -19.02
CA LYS A 168 -3.21 11.48 -20.10
C LYS A 168 -4.67 11.31 -19.69
N TYR A 169 -4.96 10.20 -19.02
CA TYR A 169 -6.32 9.92 -18.57
C TYR A 169 -6.31 8.94 -17.41
N ALA A 170 -7.41 8.88 -16.68
CA ALA A 170 -7.51 7.97 -15.53
C ALA A 170 -7.20 6.53 -15.94
N ASN A 171 -6.41 5.86 -15.10
CA ASN A 171 -6.01 4.47 -15.32
C ASN A 171 -5.09 4.29 -16.53
N SER A 172 -4.44 5.36 -16.96
CA SER A 172 -3.53 5.27 -18.11
C SER A 172 -2.29 4.43 -17.77
N GLU A 173 -1.89 4.43 -16.51
CA GLU A 173 -0.72 3.66 -16.09
C GLU A 173 -1.11 2.20 -15.85
N VAL A 174 -0.41 1.29 -16.52
CA VAL A 174 -0.71 -0.12 -16.40
C VAL A 174 -0.58 -0.62 -14.95
N GLU A 175 0.29 0.01 -14.17
CA GLU A 175 0.45 -0.38 -12.77
C GLU A 175 -0.85 -0.09 -11.99
N VAL A 176 -1.59 0.93 -12.42
CA VAL A 176 -2.83 1.29 -11.77
C VAL A 176 -4.00 0.46 -12.30
N LYS A 177 -4.13 0.41 -13.62
CA LYS A 177 -5.20 -0.36 -14.25
C LYS A 177 -5.18 -1.83 -13.85
N SER A 178 -3.99 -2.37 -13.59
CA SER A 178 -3.87 -3.78 -13.19
C SER A 178 -4.56 -4.02 -11.86
N ILE A 179 -4.47 -3.05 -10.96
CA ILE A 179 -5.10 -3.17 -9.65
C ILE A 179 -6.60 -2.96 -9.82
N VAL A 180 -6.96 -1.91 -10.56
CA VAL A 180 -8.37 -1.59 -10.80
C VAL A 180 -9.15 -2.78 -11.35
N ASP A 181 -8.59 -3.45 -12.37
CA ASP A 181 -9.25 -4.59 -12.99
C ASP A 181 -9.39 -5.75 -12.01
N PHE A 182 -8.31 -6.05 -11.30
CA PHE A 182 -8.32 -7.15 -10.34
C PHE A 182 -9.35 -6.95 -9.23
N VAL A 183 -9.38 -5.75 -8.66
CA VAL A 183 -10.33 -5.45 -7.60
C VAL A 183 -11.78 -5.48 -8.09
N LYS A 184 -12.03 -4.90 -9.25
CA LYS A 184 -13.39 -4.92 -9.80
C LYS A 184 -13.80 -6.35 -10.15
N ASN A 185 -12.88 -7.12 -10.71
CA ASN A 185 -13.19 -8.51 -11.07
C ASN A 185 -13.47 -9.34 -9.81
N HIS A 186 -12.72 -9.08 -8.74
CA HIS A 186 -12.91 -9.82 -7.50
C HIS A 186 -14.29 -9.53 -6.93
N GLY A 187 -14.62 -8.25 -6.82
CA GLY A 187 -15.92 -7.83 -6.32
C GLY A 187 -16.24 -8.04 -4.86
N ASN A 188 -15.32 -8.60 -4.07
CA ASN A 188 -15.63 -8.81 -2.66
C ASN A 188 -14.60 -8.28 -1.66
N PHE A 189 -13.99 -7.14 -1.98
CA PHE A 189 -13.04 -6.54 -1.05
C PHE A 189 -13.82 -5.69 -0.04
N LYS A 190 -13.41 -5.78 1.23
CA LYS A 190 -14.08 -5.03 2.29
C LYS A 190 -13.20 -3.90 2.82
N ALA A 191 -11.89 -4.03 2.63
CA ALA A 191 -10.93 -3.02 3.07
C ALA A 191 -9.87 -2.80 1.98
N PHE A 192 -9.37 -1.57 1.89
CA PHE A 192 -8.37 -1.20 0.90
C PHE A 192 -7.39 -0.25 1.59
N LEU A 193 -6.17 -0.73 1.82
CA LEU A 193 -5.13 0.04 2.49
C LEU A 193 -3.95 0.31 1.58
N SER A 194 -3.56 1.57 1.44
CA SER A 194 -2.43 1.93 0.59
C SER A 194 -1.37 2.58 1.47
N ILE A 195 -0.18 1.98 1.51
CA ILE A 195 0.89 2.46 2.38
C ILE A 195 1.91 3.39 1.72
N HIS A 196 2.21 4.48 2.43
CA HIS A 196 3.15 5.51 1.99
C HIS A 196 4.05 5.96 3.15
N SER A 197 4.89 6.96 2.85
CA SER A 197 5.76 7.59 3.84
C SER A 197 6.04 8.97 3.20
N TYR A 198 6.36 9.98 4.00
CA TYR A 198 6.43 9.87 5.46
C TYR A 198 5.55 10.98 6.05
N SER A 199 5.63 11.14 7.38
CA SER A 199 4.92 12.16 8.18
C SER A 199 3.99 11.62 9.26
N GLN A 200 3.89 10.29 9.36
CA GLN A 200 3.07 9.64 10.39
C GLN A 200 1.61 10.11 10.45
N LEU A 201 0.83 9.64 9.48
CA LEU A 201 -0.57 9.99 9.37
C LEU A 201 -1.43 8.79 8.97
N LEU A 202 -2.68 8.79 9.42
CA LEU A 202 -3.64 7.75 9.06
C LEU A 202 -4.76 8.56 8.42
N LEU A 203 -4.96 8.39 7.12
CA LEU A 203 -5.96 9.16 6.40
C LEU A 203 -7.07 8.37 5.74
N TYR A 204 -8.26 8.98 5.69
CA TYR A 204 -9.41 8.38 5.02
C TYR A 204 -9.94 9.42 4.01
N PRO A 205 -10.83 9.00 3.10
CA PRO A 205 -11.39 9.91 2.07
C PRO A 205 -12.12 11.15 2.63
N TYR A 206 -12.21 12.23 1.85
CA TYR A 206 -11.67 12.31 0.49
C TYR A 206 -10.50 13.28 0.40
N GLY A 207 -9.85 13.26 -0.74
CA GLY A 207 -8.74 14.16 -0.99
C GLY A 207 -9.08 15.14 -2.11
N TYR A 208 -9.95 14.72 -3.02
CA TYR A 208 -10.31 15.59 -4.15
C TYR A 208 -11.49 16.53 -3.91
N THR A 209 -12.29 16.27 -2.88
CA THR A 209 -13.45 17.11 -2.61
C THR A 209 -13.56 17.41 -1.11
N THR A 210 -14.18 18.55 -0.78
CA THR A 210 -14.36 18.95 0.61
C THR A 210 -15.55 18.23 1.21
N GLN A 211 -16.31 17.53 0.37
CA GLN A 211 -17.48 16.79 0.84
C GLN A 211 -17.05 15.72 1.84
N SER A 212 -17.83 15.54 2.90
CA SER A 212 -17.53 14.53 3.92
C SER A 212 -18.17 13.21 3.54
N ILE A 213 -17.45 12.11 3.73
CA ILE A 213 -17.99 10.80 3.41
C ILE A 213 -19.10 10.48 4.40
N PRO A 214 -20.13 9.73 3.95
CA PRO A 214 -21.22 9.38 4.87
C PRO A 214 -20.81 8.51 6.05
N ASP A 215 -19.67 7.83 5.93
CA ASP A 215 -19.18 6.96 7.00
C ASP A 215 -18.09 7.62 7.82
N LYS A 216 -18.13 8.96 7.86
CA LYS A 216 -17.15 9.77 8.57
C LYS A 216 -16.97 9.36 10.03
N THR A 217 -18.06 9.30 10.78
CA THR A 217 -18.01 8.95 12.19
C THR A 217 -17.33 7.61 12.48
N GLU A 218 -17.75 6.55 11.79
CA GLU A 218 -17.17 5.24 11.98
C GLU A 218 -15.69 5.16 11.61
N LEU A 219 -15.35 5.67 10.43
CA LEU A 219 -13.96 5.61 9.98
C LEU A 219 -13.07 6.42 10.91
N ASN A 220 -13.57 7.54 11.39
CA ASN A 220 -12.79 8.37 12.30
C ASN A 220 -12.52 7.62 13.60
N GLN A 221 -13.52 6.91 14.12
CA GLN A 221 -13.32 6.16 15.36
C GLN A 221 -12.36 5.00 15.12
N VAL A 222 -12.44 4.40 13.94
CA VAL A 222 -11.54 3.30 13.63
C VAL A 222 -10.11 3.82 13.57
N ALA A 223 -9.92 4.95 12.90
CA ALA A 223 -8.59 5.56 12.77
C ALA A 223 -8.03 5.88 14.15
N LYS A 224 -8.84 6.50 14.99
CA LYS A 224 -8.42 6.85 16.34
C LYS A 224 -7.91 5.60 17.07
N SER A 225 -8.67 4.51 16.99
CA SER A 225 -8.29 3.26 17.64
C SER A 225 -7.03 2.66 17.07
N ALA A 226 -6.88 2.72 15.74
CA ALA A 226 -5.70 2.17 15.09
C ALA A 226 -4.46 2.95 15.52
N VAL A 227 -4.59 4.27 15.60
CA VAL A 227 -3.49 5.14 16.00
C VAL A 227 -3.06 4.86 17.45
N ALA A 228 -4.03 4.58 18.33
CA ALA A 228 -3.74 4.30 19.73
C ALA A 228 -2.97 2.99 19.87
N ALA A 229 -3.37 1.98 19.11
CA ALA A 229 -2.71 0.67 19.14
C ALA A 229 -1.28 0.79 18.63
N LEU A 230 -1.10 1.49 17.51
CA LEU A 230 0.22 1.67 16.93
C LEU A 230 1.18 2.39 17.89
N LYS A 231 0.66 3.37 18.62
CA LYS A 231 1.46 4.15 19.55
C LYS A 231 1.94 3.35 20.77
N SER A 232 1.18 2.32 21.14
CA SER A 232 1.50 1.50 22.30
C SER A 232 2.88 0.83 22.35
N LEU A 233 3.48 0.58 21.19
CA LEU A 233 4.80 -0.08 21.16
C LEU A 233 6.00 0.81 21.46
N TYR A 234 6.15 1.90 20.70
CA TYR A 234 7.27 2.80 20.89
C TYR A 234 6.89 4.28 21.10
N GLY A 235 5.61 4.54 21.27
CA GLY A 235 5.16 5.90 21.47
C GLY A 235 5.09 6.79 20.25
N THR A 236 5.13 6.18 19.06
CA THR A 236 5.09 6.95 17.81
C THR A 236 3.72 7.62 17.66
N SER A 237 3.73 8.95 17.55
CA SER A 237 2.49 9.71 17.44
C SER A 237 2.03 9.93 16.01
N TYR A 238 0.78 9.57 15.75
CA TYR A 238 0.17 9.74 14.44
C TYR A 238 -1.02 10.69 14.54
N LYS A 239 -1.28 11.41 13.45
CA LYS A 239 -2.43 12.29 13.36
C LYS A 239 -3.34 11.59 12.37
N TYR A 240 -4.63 11.90 12.40
CA TYR A 240 -5.56 11.26 11.49
C TYR A 240 -6.72 12.17 11.09
N GLY A 241 -7.33 11.85 9.96
CA GLY A 241 -8.45 12.63 9.47
C GLY A 241 -8.55 12.42 7.97
N SER A 242 -9.40 13.22 7.32
CA SER A 242 -9.56 13.11 5.88
C SER A 242 -8.34 13.68 5.19
N ILE A 243 -8.03 13.16 4.00
CA ILE A 243 -6.88 13.62 3.23
C ILE A 243 -6.85 15.14 3.05
N ILE A 244 -7.92 15.68 2.51
CA ILE A 244 -7.99 17.10 2.23
C ILE A 244 -7.83 18.02 3.46
N THR A 245 -8.31 17.58 4.61
CA THR A 245 -8.20 18.41 5.82
C THR A 245 -6.95 18.14 6.64
N THR A 246 -6.29 17.02 6.38
CA THR A 246 -5.12 16.66 7.17
C THR A 246 -3.77 16.90 6.51
N ILE A 247 -3.69 16.78 5.19
CA ILE A 247 -2.42 17.01 4.52
C ILE A 247 -2.58 18.06 3.41
N TYR A 248 -3.43 17.79 2.43
CA TYR A 248 -3.67 18.74 1.34
C TYR A 248 -4.64 18.16 0.32
N GLN A 249 -5.15 19.02 -0.56
CA GLN A 249 -6.06 18.57 -1.59
C GLN A 249 -5.25 17.73 -2.59
N ALA A 250 -5.78 16.56 -2.93
CA ALA A 250 -5.12 15.67 -3.87
C ALA A 250 -6.17 14.91 -4.69
N SER A 251 -6.07 14.99 -6.00
CA SER A 251 -7.04 14.33 -6.87
C SER A 251 -6.49 13.06 -7.51
N GLY A 252 -7.39 12.11 -7.78
CA GLY A 252 -7.00 10.85 -8.38
C GLY A 252 -6.28 9.89 -7.46
N GLY A 253 -6.55 10.01 -6.16
CA GLY A 253 -5.93 9.13 -5.18
C GLY A 253 -6.60 7.78 -5.14
N SER A 254 -5.86 6.74 -4.77
CA SER A 254 -6.41 5.39 -4.76
C SER A 254 -7.52 5.09 -3.77
N ILE A 255 -7.44 5.62 -2.54
CA ILE A 255 -8.50 5.31 -1.58
C ILE A 255 -9.79 6.06 -1.85
N ASP A 256 -9.72 7.17 -2.58
CA ASP A 256 -10.91 7.92 -2.93
C ASP A 256 -11.63 7.04 -3.96
N TRP A 257 -10.85 6.43 -4.83
CA TRP A 257 -11.39 5.53 -5.84
C TRP A 257 -12.01 4.28 -5.19
N SER A 258 -11.25 3.62 -4.31
CA SER A 258 -11.74 2.42 -3.67
C SER A 258 -12.99 2.68 -2.84
N TYR A 259 -13.04 3.80 -2.14
CA TYR A 259 -14.20 4.13 -1.34
C TYR A 259 -15.44 4.32 -2.23
N ASN A 260 -15.26 4.97 -3.39
CA ASN A 260 -16.38 5.18 -4.30
C ASN A 260 -16.82 3.88 -4.98
N GLN A 261 -16.04 2.83 -4.79
CA GLN A 261 -16.37 1.54 -5.36
C GLN A 261 -17.19 0.74 -4.36
N GLY A 262 -17.36 1.31 -3.17
CA GLY A 262 -18.13 0.63 -2.14
C GLY A 262 -17.30 0.00 -1.05
N ILE A 263 -15.97 0.13 -1.14
CA ILE A 263 -15.07 -0.43 -0.15
C ILE A 263 -14.96 0.60 0.97
N LYS A 264 -15.81 0.45 1.97
CA LYS A 264 -15.90 1.35 3.10
C LYS A 264 -14.61 1.63 3.87
N TYR A 265 -13.89 0.57 4.22
CA TYR A 265 -12.66 0.73 4.99
C TYR A 265 -11.44 1.00 4.12
N SER A 266 -11.37 2.23 3.61
CA SER A 266 -10.28 2.68 2.76
C SER A 266 -9.41 3.67 3.52
N PHE A 267 -8.15 3.30 3.77
CA PHE A 267 -7.22 4.12 4.53
C PHE A 267 -5.83 4.15 3.88
N THR A 268 -5.10 5.23 4.14
CA THR A 268 -3.72 5.36 3.67
C THR A 268 -2.87 5.67 4.90
N PHE A 269 -1.77 4.96 5.02
CA PHE A 269 -0.84 5.14 6.13
C PHE A 269 0.39 5.89 5.59
N GLU A 270 0.82 6.92 6.29
CA GLU A 270 2.03 7.65 5.93
C GLU A 270 2.92 7.25 7.10
N LEU A 271 3.92 6.40 6.86
CA LEU A 271 4.79 5.91 7.93
C LEU A 271 5.87 6.89 8.42
N ARG A 272 6.78 6.39 9.25
CA ARG A 272 7.88 7.21 9.80
C ARG A 272 8.76 7.82 8.70
N ASP A 273 9.40 8.96 8.97
CA ASP A 273 9.30 9.67 10.25
C ASP A 273 8.55 10.97 10.04
N THR A 274 8.98 12.02 10.75
CA THR A 274 8.33 13.33 10.62
C THR A 274 9.22 14.35 9.91
N GLY A 275 10.32 13.90 9.33
CA GLY A 275 11.19 14.81 8.62
C GLY A 275 12.67 14.71 8.89
N ARG A 276 13.07 14.16 10.04
CA ARG A 276 14.48 14.06 10.35
C ARG A 276 15.26 13.31 9.26
N TYR A 277 14.71 12.18 8.80
CA TYR A 277 15.36 11.41 7.74
C TYR A 277 14.49 11.37 6.49
N GLY A 278 13.19 11.55 6.66
CA GLY A 278 12.29 11.53 5.54
C GLY A 278 12.31 10.21 4.81
N PHE A 279 12.45 10.27 3.49
CA PHE A 279 12.47 9.07 2.65
C PHE A 279 13.69 8.19 2.88
N LEU A 280 14.74 8.77 3.46
CA LEU A 280 15.98 8.04 3.71
C LEU A 280 16.05 7.53 5.15
N LEU A 281 14.96 6.92 5.60
CA LEU A 281 14.90 6.39 6.96
C LEU A 281 15.94 5.28 7.12
N PRO A 282 16.72 5.33 8.21
CA PRO A 282 17.75 4.33 8.51
C PRO A 282 17.20 2.90 8.58
N ALA A 283 17.97 1.95 8.08
CA ALA A 283 17.56 0.55 8.09
C ALA A 283 17.28 0.06 9.50
N SER A 284 17.89 0.71 10.49
CA SER A 284 17.71 0.36 11.89
C SER A 284 16.29 0.63 12.40
N GLN A 285 15.48 1.32 11.59
CA GLN A 285 14.10 1.62 12.01
C GLN A 285 13.08 0.77 11.25
N ILE A 286 13.56 -0.11 10.38
CA ILE A 286 12.66 -0.97 9.60
C ILE A 286 11.77 -1.84 10.48
N ILE A 287 12.38 -2.68 11.30
CA ILE A 287 11.63 -3.57 12.17
C ILE A 287 10.67 -2.84 13.11
N PRO A 288 11.18 -1.87 13.89
CA PRO A 288 10.24 -1.18 14.78
C PRO A 288 9.09 -0.50 14.05
N THR A 289 9.36 0.05 12.87
CA THR A 289 8.32 0.69 12.09
C THR A 289 7.25 -0.35 11.69
N ALA A 290 7.70 -1.47 11.13
CA ALA A 290 6.80 -2.53 10.71
C ALA A 290 5.98 -3.08 11.89
N GLN A 291 6.65 -3.31 13.02
CA GLN A 291 5.97 -3.85 14.20
C GLN A 291 4.83 -2.97 14.69
N GLU A 292 5.06 -1.67 14.79
CA GLU A 292 4.01 -0.77 15.26
C GLU A 292 2.93 -0.62 14.18
N THR A 293 3.35 -0.53 12.93
CA THR A 293 2.40 -0.39 11.82
C THR A 293 1.46 -1.60 11.77
N TRP A 294 1.99 -2.77 12.13
CA TRP A 294 1.21 -4.00 12.13
C TRP A 294 0.03 -3.87 13.10
N LEU A 295 0.30 -3.38 14.31
CA LEU A 295 -0.76 -3.22 15.30
C LEU A 295 -1.88 -2.32 14.77
N GLY A 296 -1.50 -1.31 13.99
CA GLY A 296 -2.47 -0.40 13.43
C GLY A 296 -3.32 -1.05 12.35
N VAL A 297 -2.68 -1.86 11.51
CA VAL A 297 -3.38 -2.53 10.43
C VAL A 297 -4.28 -3.63 11.00
N LEU A 298 -3.78 -4.35 11.99
CA LEU A 298 -4.53 -5.43 12.64
C LEU A 298 -5.82 -4.85 13.22
N THR A 299 -5.71 -3.68 13.84
CA THR A 299 -6.87 -3.02 14.43
C THR A 299 -7.94 -2.77 13.38
N ILE A 300 -7.53 -2.29 12.22
CA ILE A 300 -8.48 -2.02 11.15
C ILE A 300 -9.07 -3.33 10.63
N MET A 301 -8.24 -4.37 10.53
CA MET A 301 -8.72 -5.67 10.04
C MET A 301 -9.78 -6.23 10.99
N GLU A 302 -9.53 -6.08 12.29
CA GLU A 302 -10.47 -6.57 13.29
C GLU A 302 -11.84 -5.93 13.15
N HIS A 303 -11.85 -4.62 12.94
CA HIS A 303 -13.11 -3.90 12.80
C HIS A 303 -13.83 -4.37 11.53
N THR A 304 -13.06 -4.70 10.50
CA THR A 304 -13.62 -5.15 9.23
C THR A 304 -14.30 -6.52 9.32
N VAL A 305 -13.61 -7.48 9.94
CA VAL A 305 -14.15 -8.83 10.07
C VAL A 305 -15.47 -8.85 10.84
N ASN A 306 -15.62 -7.91 11.76
CA ASN A 306 -16.84 -7.83 12.57
C ASN A 306 -17.85 -6.81 12.04
N ASN A 307 -17.47 -6.10 10.97
CA ASN A 307 -18.34 -5.09 10.38
C ASN A 307 -18.11 -4.99 8.87
#